data_4NF7
#
_entry.id   4NF7
#
_cell.length_a   68.890
_cell.length_b   68.890
_cell.length_c   175.640
_cell.angle_alpha   90.000
_cell.angle_beta   90.000
_cell.angle_gamma   90.000
#
_symmetry.space_group_name_H-M   'P 43 21 2'
#
loop_
_entity.id
_entity.type
_entity.pdbx_description
1 polymer 'Endo-1,4-beta-glucanase Cel5C'
2 water water
#
_entity_poly.entity_id   1
_entity_poly.type   'polypeptide(L)'
_entity_poly.pdbx_seq_one_letter_code
;GAGTDRSATQVVSDMRVGWNIGNSLDSFGQSYNFPYTSLNETYWGNPATTKALIDEVAKAGFNTIRIPVSWGQYTSGSDY
QIPDFVMNRVKEVVDYCIVNDMYVILNSHHDINSDYCFYVPNNANKDRSEKYFKSIWTQIAKEFRNYDYHLVFETMNEPR
LVGHGEEWWFPRNNPSNDIREAVACINDYNQVALDAIRATGGNNATRCVMVPGYDASIEGCMTDGFKMPNDTASGRLILS
VHAYIPYYFALASDTYVTRFDDNLKYDIDSFFNDLNSKFLSRNIPVVVGETSATNRNNTAERVKWADYYWGRAARYSNVA
MVLWDNNIYQNNSAGSDGECHMYIDRNSLQWKDPEIISTIMKH
;
_entity_poly.pdbx_strand_id   A
#
# COMPACT_ATOMS: atom_id res chain seq x y z
N GLY A 1 -19.20 -16.84 -3.56
CA GLY A 1 -19.77 -16.53 -2.25
C GLY A 1 -19.07 -17.25 -1.10
N ALA A 2 -17.74 -17.18 -1.07
CA ALA A 2 -16.98 -17.95 -0.10
C ALA A 2 -16.96 -17.37 1.33
N GLY A 3 -17.42 -16.13 1.48
CA GLY A 3 -17.44 -15.51 2.79
C GLY A 3 -16.07 -15.03 3.22
N THR A 4 -15.92 -14.74 4.51
CA THR A 4 -14.64 -14.29 5.08
C THR A 4 -14.30 -15.05 6.35
N ASP A 5 -14.29 -16.38 6.25
CA ASP A 5 -14.01 -17.27 7.37
C ASP A 5 -12.57 -17.75 7.36
N ARG A 6 -11.67 -16.91 6.88
CA ARG A 6 -10.25 -17.26 6.80
C ARG A 6 -9.44 -16.29 7.60
N SER A 7 -8.45 -16.81 8.32
CA SER A 7 -7.55 -15.98 9.12
C SER A 7 -6.66 -15.11 8.24
N ALA A 8 -6.07 -14.09 8.84
CA ALA A 8 -5.11 -13.25 8.12
C ALA A 8 -3.95 -14.11 7.63
N THR A 9 -3.60 -15.13 8.41
CA THR A 9 -2.50 -16.00 8.01
C THR A 9 -2.86 -16.78 6.75
N GLN A 10 -4.07 -17.34 6.71
CA GLN A 10 -4.53 -18.09 5.55
C GLN A 10 -4.63 -17.23 4.29
N VAL A 11 -5.01 -15.97 4.44
CA VAL A 11 -5.04 -15.05 3.30
C VAL A 11 -3.62 -14.73 2.78
N VAL A 12 -2.77 -14.18 3.65
CA VAL A 12 -1.40 -13.81 3.28
C VAL A 12 -0.59 -14.99 2.74
N SER A 13 -0.83 -16.18 3.30
CA SER A 13 -0.15 -17.39 2.86
C SER A 13 -0.47 -17.72 1.40
N ASP A 14 -1.72 -17.48 1.00
CA ASP A 14 -2.12 -17.73 -0.38
C ASP A 14 -1.81 -16.55 -1.33
N MET A 15 -1.42 -15.40 -0.80
CA MET A 15 -0.88 -14.35 -1.66
C MET A 15 0.54 -14.77 -2.09
N ARG A 16 0.84 -14.73 -3.37
CA ARG A 16 2.22 -15.06 -3.77
C ARG A 16 3.05 -13.79 -3.98
N VAL A 17 2.60 -12.93 -4.89
CA VAL A 17 3.26 -11.64 -5.12
C VAL A 17 2.22 -10.70 -5.73
N GLY A 18 2.34 -9.41 -5.43
CA GLY A 18 1.36 -8.43 -5.87
C GLY A 18 1.91 -7.33 -6.75
N TRP A 19 1.01 -6.51 -7.28
CA TRP A 19 1.35 -5.45 -8.20
C TRP A 19 0.46 -4.26 -7.94
N ASN A 20 1.05 -3.07 -7.77
CA ASN A 20 0.27 -1.86 -7.51
C ASN A 20 -0.20 -1.21 -8.79
N ILE A 21 -1.44 -0.74 -8.85
CA ILE A 21 -1.85 0.12 -9.95
C ILE A 21 -1.48 1.56 -9.60
N GLY A 22 -0.18 1.87 -9.70
CA GLY A 22 0.29 3.15 -9.20
C GLY A 22 -0.04 4.32 -10.12
N ASN A 23 -0.18 5.51 -9.54
CA ASN A 23 -0.37 6.75 -10.29
C ASN A 23 -1.58 6.66 -11.21
N SER A 24 -2.64 6.10 -10.66
CA SER A 24 -3.88 5.89 -11.39
C SER A 24 -4.99 6.51 -10.57
N LEU A 25 -5.71 5.69 -9.82
CA LEU A 25 -6.83 6.19 -9.01
C LEU A 25 -6.34 6.93 -7.76
N ASP A 26 -5.05 6.79 -7.47
CA ASP A 26 -4.41 7.57 -6.42
C ASP A 26 -4.13 9.02 -6.86
N SER A 27 -4.14 9.26 -8.17
CA SER A 27 -3.91 10.59 -8.73
C SER A 27 -4.88 11.61 -8.12
N PHE A 28 -4.36 12.75 -7.67
CA PHE A 28 -5.24 13.76 -7.07
C PHE A 28 -5.03 15.14 -7.70
N GLY A 29 -6.06 15.98 -7.58
CA GLY A 29 -6.00 17.33 -8.07
C GLY A 29 -5.89 18.31 -6.89
N GLN A 30 -6.15 19.59 -7.16
CA GLN A 30 -5.95 20.65 -6.16
C GLN A 30 -7.21 20.87 -5.33
N SER A 31 -7.04 21.19 -4.04
CA SER A 31 -8.15 21.30 -3.11
C SER A 31 -9.14 22.41 -3.47
N TYR A 32 -8.68 23.48 -4.13
CA TYR A 32 -9.62 24.52 -4.51
C TYR A 32 -10.56 24.08 -5.63
N ASN A 33 -10.27 22.94 -6.25
CA ASN A 33 -11.17 22.37 -7.25
C ASN A 33 -12.14 21.35 -6.66
N PHE A 34 -12.02 21.08 -5.36
CA PHE A 34 -12.86 20.07 -4.72
C PHE A 34 -14.30 20.56 -4.69
N PRO A 35 -15.28 19.64 -4.84
CA PRO A 35 -15.01 18.24 -5.16
C PRO A 35 -14.92 18.03 -6.65
N TYR A 36 -14.02 17.16 -7.08
CA TYR A 36 -13.95 16.81 -8.48
C TYR A 36 -15.22 16.07 -8.88
N THR A 37 -15.74 16.40 -10.05
CA THR A 37 -17.00 15.82 -10.50
C THR A 37 -16.77 14.85 -11.65
N SER A 38 -15.50 14.67 -12.02
CA SER A 38 -15.10 13.63 -12.95
C SER A 38 -13.77 13.00 -12.48
N LEU A 39 -13.48 11.80 -12.95
CA LEU A 39 -12.35 11.00 -12.46
C LEU A 39 -10.97 11.56 -12.78
N ASN A 40 -10.07 11.53 -11.80
CA ASN A 40 -8.66 11.92 -12.03
C ASN A 40 -7.72 10.73 -12.34
N GLU A 41 -8.30 9.57 -12.65
CA GLU A 41 -7.54 8.38 -12.97
C GLU A 41 -6.47 8.59 -14.06
N THR A 42 -6.76 9.45 -15.04
CA THR A 42 -5.79 9.69 -16.10
C THR A 42 -5.01 11.00 -15.91
N TYR A 43 -5.26 11.67 -14.79
CA TYR A 43 -4.68 12.97 -14.51
C TYR A 43 -3.15 12.99 -14.47
N TRP A 44 -2.55 11.90 -13.99
CA TRP A 44 -1.10 11.82 -13.89
C TRP A 44 -0.46 11.14 -15.06
N GLY A 45 -1.18 11.12 -16.19
CA GLY A 45 -0.61 10.69 -17.45
C GLY A 45 -0.78 9.22 -17.82
N ASN A 46 -1.41 8.44 -16.95
CA ASN A 46 -1.55 7.02 -17.22
C ASN A 46 -2.93 6.66 -17.75
N PRO A 47 -2.97 5.72 -18.70
CA PRO A 47 -4.25 5.24 -19.25
C PRO A 47 -5.11 4.64 -18.15
N ALA A 48 -6.41 4.84 -18.26
CA ALA A 48 -7.35 4.14 -17.40
C ALA A 48 -7.04 2.64 -17.45
N THR A 49 -7.12 2.00 -16.28
CA THR A 49 -6.90 0.57 -16.15
C THR A 49 -7.89 -0.22 -16.98
N THR A 50 -7.39 -1.22 -17.70
CA THR A 50 -8.23 -2.12 -18.49
C THR A 50 -8.18 -3.56 -17.97
N LYS A 51 -9.19 -4.36 -18.31
CA LYS A 51 -9.18 -5.79 -17.98
C LYS A 51 -7.98 -6.45 -18.63
N ALA A 52 -7.67 -5.99 -19.84
CA ALA A 52 -6.53 -6.51 -20.58
C ALA A 52 -5.22 -6.33 -19.81
N LEU A 53 -5.08 -5.18 -19.16
CA LEU A 53 -3.88 -4.90 -18.38
C LEU A 53 -3.79 -5.85 -17.19
N ILE A 54 -4.88 -5.97 -16.44
CA ILE A 54 -4.91 -6.84 -15.28
C ILE A 54 -4.70 -8.31 -15.70
N ASP A 55 -5.18 -8.67 -16.88
CA ASP A 55 -4.98 -10.02 -17.39
C ASP A 55 -3.50 -10.34 -17.60
N GLU A 56 -2.76 -9.41 -18.20
CA GLU A 56 -1.32 -9.62 -18.40
C GLU A 56 -0.55 -9.73 -17.08
N VAL A 57 -0.92 -8.89 -16.11
CA VAL A 57 -0.31 -8.93 -14.78
C VAL A 57 -0.58 -10.30 -14.15
N ALA A 58 -1.83 -10.73 -14.20
CA ALA A 58 -2.19 -12.08 -13.76
C ALA A 58 -1.37 -13.17 -14.46
N LYS A 59 -1.31 -13.11 -15.79
CA LYS A 59 -0.58 -14.12 -16.57
C LYS A 59 0.91 -14.20 -16.20
N ALA A 60 1.49 -13.08 -15.78
CA ALA A 60 2.89 -13.06 -15.38
C ALA A 60 3.13 -13.83 -14.07
N GLY A 61 2.05 -14.08 -13.33
CA GLY A 61 2.17 -14.84 -12.10
C GLY A 61 1.76 -14.07 -10.84
N PHE A 62 1.44 -12.79 -10.99
CA PHE A 62 0.90 -12.04 -9.85
C PHE A 62 -0.52 -12.53 -9.54
N ASN A 63 -0.84 -12.68 -8.26
CA ASN A 63 -2.21 -13.07 -7.89
C ASN A 63 -2.82 -12.08 -6.92
N THR A 64 -2.13 -10.96 -6.73
CA THR A 64 -2.59 -9.90 -5.85
C THR A 64 -2.47 -8.54 -6.53
N ILE A 65 -3.53 -7.73 -6.45
CA ILE A 65 -3.49 -6.38 -6.99
C ILE A 65 -3.77 -5.40 -5.86
N ARG A 66 -2.90 -4.42 -5.68
CA ARG A 66 -3.20 -3.31 -4.78
C ARG A 66 -3.71 -2.12 -5.59
N ILE A 67 -4.86 -1.59 -5.19
CA ILE A 67 -5.55 -0.51 -5.91
C ILE A 67 -5.59 0.72 -5.02
N PRO A 68 -4.56 1.58 -5.14
CA PRO A 68 -4.51 2.83 -4.37
C PRO A 68 -5.63 3.77 -4.84
N VAL A 69 -6.45 4.28 -3.92
CA VAL A 69 -7.46 5.25 -4.29
C VAL A 69 -7.39 6.50 -3.39
N SER A 70 -7.45 7.66 -4.01
CA SER A 70 -7.55 8.91 -3.26
C SER A 70 -9.00 9.39 -3.26
N TRP A 71 -9.72 9.10 -2.18
CA TRP A 71 -11.14 9.35 -2.11
C TRP A 71 -11.51 10.79 -1.85
N GLY A 72 -10.88 11.38 -0.83
CA GLY A 72 -11.22 12.71 -0.38
C GLY A 72 -11.59 13.72 -1.44
N GLN A 73 -10.75 13.83 -2.47
CA GLN A 73 -10.89 14.88 -3.50
C GLN A 73 -12.27 14.89 -4.19
N TYR A 74 -13.00 13.78 -4.07
CA TYR A 74 -14.30 13.60 -4.71
C TYR A 74 -15.47 13.77 -3.74
N THR A 75 -15.19 13.83 -2.45
CA THR A 75 -16.24 13.82 -1.44
C THR A 75 -16.92 15.19 -1.29
N SER A 76 -18.19 15.19 -0.89
CA SER A 76 -18.90 16.44 -0.61
C SER A 76 -19.78 16.35 0.64
N GLY A 77 -19.95 17.49 1.31
CA GLY A 77 -20.80 17.59 2.49
C GLY A 77 -20.10 17.15 3.75
N SER A 78 -20.78 17.29 4.89
CA SER A 78 -20.15 17.08 6.18
C SER A 78 -19.91 15.61 6.49
N ASP A 79 -20.52 14.73 5.71
CA ASP A 79 -20.33 13.31 5.93
C ASP A 79 -19.43 12.71 4.83
N TYR A 80 -18.70 13.58 4.13
CA TYR A 80 -17.72 13.16 3.12
C TYR A 80 -18.30 12.13 2.16
N GLN A 81 -19.37 12.50 1.46
CA GLN A 81 -20.05 11.50 0.64
C GLN A 81 -19.31 11.22 -0.65
N ILE A 82 -19.06 9.94 -0.91
CA ILE A 82 -18.39 9.53 -2.14
C ILE A 82 -19.40 9.41 -3.28
N PRO A 83 -19.16 10.12 -4.39
CA PRO A 83 -20.11 10.06 -5.51
C PRO A 83 -20.09 8.71 -6.21
N ASP A 84 -21.21 8.35 -6.84
CA ASP A 84 -21.37 7.05 -7.47
C ASP A 84 -20.42 6.85 -8.65
N PHE A 85 -20.09 7.92 -9.37
CA PHE A 85 -19.19 7.71 -10.50
C PHE A 85 -17.83 7.21 -10.01
N VAL A 86 -17.48 7.52 -8.77
CA VAL A 86 -16.21 7.10 -8.18
C VAL A 86 -16.29 5.65 -7.70
N MET A 87 -17.31 5.37 -6.89
CA MET A 87 -17.54 4.03 -6.37
C MET A 87 -17.74 3.03 -7.52
N ASN A 88 -18.53 3.40 -8.52
CA ASN A 88 -18.73 2.51 -9.66
C ASN A 88 -17.42 2.17 -10.36
N ARG A 89 -16.59 3.17 -10.63
CA ARG A 89 -15.30 2.94 -11.28
C ARG A 89 -14.36 2.08 -10.43
N VAL A 90 -14.27 2.38 -9.13
CA VAL A 90 -13.43 1.59 -8.24
C VAL A 90 -13.89 0.15 -8.27
N LYS A 91 -15.21 -0.06 -8.21
CA LYS A 91 -15.76 -1.43 -8.27
C LYS A 91 -15.44 -2.11 -9.60
N GLU A 92 -15.47 -1.35 -10.68
CA GLU A 92 -15.08 -1.84 -12.01
C GLU A 92 -13.67 -2.42 -11.97
N VAL A 93 -12.74 -1.66 -11.40
CA VAL A 93 -11.34 -2.04 -11.39
C VAL A 93 -11.09 -3.21 -10.42
N VAL A 94 -11.75 -3.17 -9.26
CA VAL A 94 -11.68 -4.28 -8.30
C VAL A 94 -12.13 -5.58 -8.96
N ASP A 95 -13.20 -5.50 -9.76
CA ASP A 95 -13.79 -6.68 -10.37
C ASP A 95 -12.93 -7.27 -11.47
N TYR A 96 -12.16 -6.43 -12.17
CA TYR A 96 -11.20 -6.94 -13.15
C TYR A 96 -10.33 -7.99 -12.49
N CYS A 97 -9.96 -7.72 -11.24
CA CYS A 97 -9.03 -8.54 -10.49
C CYS A 97 -9.74 -9.73 -9.84
N ILE A 98 -10.87 -9.46 -9.20
CA ILE A 98 -11.63 -10.47 -8.50
C ILE A 98 -12.04 -11.61 -9.43
N VAL A 99 -12.51 -11.30 -10.64
CA VAL A 99 -12.90 -12.35 -11.58
C VAL A 99 -11.72 -13.21 -12.06
N ASN A 100 -10.50 -12.70 -11.90
CA ASN A 100 -9.34 -13.52 -12.22
C ASN A 100 -8.80 -14.25 -11.00
N ASP A 101 -9.66 -14.47 -10.00
CA ASP A 101 -9.33 -15.19 -8.76
C ASP A 101 -8.15 -14.57 -8.01
N MET A 102 -8.02 -13.25 -8.10
CA MET A 102 -6.90 -12.54 -7.49
C MET A 102 -7.30 -11.94 -6.16
N TYR A 103 -6.31 -11.73 -5.31
CA TYR A 103 -6.50 -10.99 -4.07
C TYR A 103 -6.43 -9.50 -4.43
N VAL A 104 -7.20 -8.69 -3.73
CA VAL A 104 -7.22 -7.26 -3.97
C VAL A 104 -7.07 -6.55 -2.64
N ILE A 105 -6.20 -5.54 -2.64
CA ILE A 105 -6.00 -4.69 -1.47
C ILE A 105 -6.46 -3.29 -1.86
N LEU A 106 -7.55 -2.84 -1.24
CA LEU A 106 -8.14 -1.55 -1.57
C LEU A 106 -7.88 -0.61 -0.41
N ASN A 107 -7.36 0.59 -0.68
CA ASN A 107 -7.00 1.50 0.40
C ASN A 107 -7.49 2.94 0.22
N SER A 108 -7.09 3.78 1.15
CA SER A 108 -7.14 5.22 1.01
C SER A 108 -5.69 5.64 0.83
N HIS A 109 -5.40 6.39 -0.21
CA HIS A 109 -4.03 6.68 -0.58
C HIS A 109 -3.58 8.10 -0.29
N HIS A 110 -3.52 8.92 -1.33
CA HIS A 110 -3.05 10.31 -1.19
C HIS A 110 -4.17 11.24 -0.68
N ASP A 111 -4.87 10.81 0.37
CA ASP A 111 -5.83 11.67 1.05
C ASP A 111 -5.08 12.64 1.98
N ILE A 112 -3.75 12.53 1.97
CA ILE A 112 -2.90 13.56 2.51
C ILE A 112 -1.81 13.81 1.48
N ASN A 113 -1.37 15.05 1.40
CA ASN A 113 -0.31 15.45 0.48
C ASN A 113 0.06 16.90 0.77
N SER A 114 0.93 17.46 -0.05
CA SER A 114 1.40 18.83 0.18
C SER A 114 0.30 19.85 -0.04
N ASP A 115 -0.70 19.50 -0.86
CA ASP A 115 -1.77 20.44 -1.21
C ASP A 115 -2.91 20.52 -0.21
N TYR A 116 -3.42 19.35 0.23
CA TYR A 116 -4.48 19.30 1.25
C TYR A 116 -4.53 17.95 2.01
N CYS A 117 -4.78 18.02 3.32
CA CYS A 117 -4.86 16.82 4.15
C CYS A 117 -6.27 16.57 4.67
N PHE A 118 -6.83 15.41 4.35
CA PHE A 118 -8.14 15.03 4.88
C PHE A 118 -8.05 14.47 6.30
N TYR A 119 -6.83 14.18 6.71
CA TYR A 119 -6.56 13.81 8.09
C TYR A 119 -5.15 14.27 8.43
N VAL A 120 -4.93 14.58 9.70
CA VAL A 120 -3.60 14.92 10.17
C VAL A 120 -3.40 14.19 11.49
N PRO A 121 -2.26 13.48 11.63
CA PRO A 121 -2.06 12.81 12.92
C PRO A 121 -1.54 13.75 14.04
N ASN A 122 -2.36 14.71 14.44
CA ASN A 122 -2.12 15.40 15.71
C ASN A 122 -3.43 15.76 16.40
N ASN A 123 -3.34 16.15 17.65
CA ASN A 123 -4.53 16.36 18.46
C ASN A 123 -5.42 17.48 17.94
N ALA A 124 -4.81 18.48 17.32
CA ALA A 124 -5.54 19.63 16.79
C ALA A 124 -6.49 19.20 15.65
N ASN A 125 -6.17 18.07 15.01
CA ASN A 125 -6.95 17.61 13.88
C ASN A 125 -7.61 16.26 14.13
N LYS A 126 -7.57 15.80 15.37
CA LYS A 126 -8.05 14.47 15.72
C LYS A 126 -9.52 14.27 15.33
N ASP A 127 -10.33 15.30 15.57
CA ASP A 127 -11.76 15.22 15.38
C ASP A 127 -12.14 15.02 13.90
N ARG A 128 -11.68 15.93 13.05
CA ARG A 128 -12.01 15.83 11.64
C ARG A 128 -11.36 14.63 10.97
N SER A 129 -10.25 14.16 11.53
CA SER A 129 -9.55 13.01 10.94
C SER A 129 -10.36 11.73 11.17
N GLU A 130 -10.80 11.52 12.41
CA GLU A 130 -11.59 10.34 12.75
C GLU A 130 -12.92 10.36 12.02
N LYS A 131 -13.51 11.55 11.91
CA LYS A 131 -14.75 11.73 11.15
C LYS A 131 -14.54 11.33 9.69
N TYR A 132 -13.39 11.70 9.11
CA TYR A 132 -13.09 11.33 7.73
C TYR A 132 -13.04 9.81 7.57
N PHE A 133 -12.21 9.16 8.38
CA PHE A 133 -12.08 7.71 8.30
C PHE A 133 -13.38 6.95 8.54
N LYS A 134 -14.13 7.34 9.57
CA LYS A 134 -15.40 6.65 9.86
C LYS A 134 -16.31 6.76 8.65
N SER A 135 -16.39 7.96 8.08
CA SER A 135 -17.26 8.21 6.94
C SER A 135 -16.88 7.44 5.69
N ILE A 136 -15.62 7.52 5.27
CA ILE A 136 -15.31 6.87 4.01
C ILE A 136 -15.35 5.36 4.16
N TRP A 137 -14.89 4.84 5.30
CA TRP A 137 -14.86 3.39 5.48
C TRP A 137 -16.20 2.76 5.67
N THR A 138 -17.15 3.49 6.25
CA THR A 138 -18.54 3.04 6.27
C THR A 138 -19.01 2.84 4.83
N GLN A 139 -18.73 3.83 3.98
CA GLN A 139 -19.19 3.81 2.60
C GLN A 139 -18.47 2.73 1.78
N ILE A 140 -17.14 2.74 1.82
CA ILE A 140 -16.38 1.73 1.07
C ILE A 140 -16.77 0.31 1.50
N ALA A 141 -16.85 0.06 2.81
CA ALA A 141 -17.17 -1.28 3.30
C ALA A 141 -18.57 -1.73 2.90
N LYS A 142 -19.54 -0.81 2.88
CA LYS A 142 -20.89 -1.17 2.44
C LYS A 142 -20.92 -1.54 0.96
N GLU A 143 -20.27 -0.73 0.13
CA GLU A 143 -20.18 -1.03 -1.29
C GLU A 143 -19.70 -2.46 -1.53
N PHE A 144 -18.67 -2.88 -0.80
CA PHE A 144 -18.01 -4.15 -1.07
C PHE A 144 -18.29 -5.20 0.00
N ARG A 145 -19.38 -5.03 0.73
CA ARG A 145 -19.69 -5.91 1.87
C ARG A 145 -19.79 -7.39 1.49
N ASN A 146 -20.21 -7.67 0.27
CA ASN A 146 -20.47 -9.06 -0.13
C ASN A 146 -19.30 -9.73 -0.83
N TYR A 147 -18.11 -9.12 -0.76
CA TYR A 147 -16.94 -9.72 -1.37
C TYR A 147 -16.30 -10.69 -0.40
N ASP A 148 -15.69 -11.77 -0.93
CA ASP A 148 -15.07 -12.78 -0.05
C ASP A 148 -13.72 -12.36 0.50
N TYR A 149 -12.97 -13.31 1.06
CA TYR A 149 -11.69 -13.02 1.71
C TYR A 149 -10.60 -12.50 0.75
N HIS A 150 -10.85 -12.58 -0.56
CA HIS A 150 -9.90 -12.08 -1.54
C HIS A 150 -9.75 -10.57 -1.44
N LEU A 151 -10.82 -9.90 -1.01
CA LEU A 151 -10.78 -8.45 -0.86
C LEU A 151 -10.35 -8.07 0.55
N VAL A 152 -9.19 -7.40 0.63
CA VAL A 152 -8.63 -6.90 1.90
C VAL A 152 -8.75 -5.37 1.95
N PHE A 153 -9.13 -4.81 3.11
CA PHE A 153 -9.14 -3.34 3.27
C PHE A 153 -7.85 -2.87 3.94
N GLU A 154 -7.26 -1.80 3.39
CA GLU A 154 -6.09 -1.17 3.99
C GLU A 154 -6.52 0.22 4.41
N THR A 155 -6.55 0.49 5.72
CA THR A 155 -7.19 1.69 6.25
C THR A 155 -6.66 3.01 5.70
N MET A 156 -5.36 3.07 5.47
CA MET A 156 -4.71 4.30 5.04
C MET A 156 -3.32 3.96 4.52
N ASN A 157 -2.68 4.92 3.85
CA ASN A 157 -1.47 4.60 3.10
C ASN A 157 -0.22 4.83 3.93
N GLU A 158 0.21 6.08 3.97
CA GLU A 158 1.43 6.43 4.68
C GLU A 158 1.16 7.61 5.61
N PRO A 159 0.38 7.38 6.68
CA PRO A 159 -0.05 8.47 7.55
C PRO A 159 1.17 9.16 8.15
N ARG A 160 1.19 10.50 8.14
CA ARG A 160 2.38 11.24 8.55
C ARG A 160 2.07 12.73 8.72
N LEU A 161 3.04 13.47 9.24
CA LEU A 161 2.95 14.92 9.32
C LEU A 161 3.54 15.55 8.05
N VAL A 162 2.67 15.99 7.15
CA VAL A 162 3.10 16.50 5.85
C VAL A 162 3.72 17.89 5.98
N GLY A 163 4.91 18.07 5.41
CA GLY A 163 5.60 19.36 5.47
C GLY A 163 6.35 19.55 6.79
N HIS A 164 6.55 18.45 7.49
CA HIS A 164 7.18 18.48 8.80
C HIS A 164 8.60 18.01 8.60
N GLY A 165 9.48 18.40 9.52
CA GLY A 165 10.86 17.95 9.48
C GLY A 165 10.92 16.45 9.46
N GLU A 166 9.99 15.81 10.18
CA GLU A 166 10.01 14.35 10.29
C GLU A 166 8.86 13.70 9.52
N GLU A 167 8.57 14.23 8.34
CA GLU A 167 7.50 13.67 7.52
C GLU A 167 7.82 12.26 7.05
N TRP A 168 9.07 12.02 6.65
CA TRP A 168 9.44 10.77 6.01
C TRP A 168 10.38 9.91 6.81
N TRP A 169 10.76 10.35 8.00
CA TRP A 169 11.65 9.55 8.83
C TRP A 169 11.83 10.07 10.23
N PHE A 170 12.10 9.14 11.14
CA PHE A 170 12.38 9.44 12.54
C PHE A 170 13.01 8.20 13.15
N PRO A 171 13.83 8.36 14.20
CA PRO A 171 14.46 7.17 14.78
C PRO A 171 13.46 6.43 15.65
N ARG A 172 13.19 5.17 15.34
CA ARG A 172 12.18 4.39 16.05
C ARG A 172 12.30 4.47 17.58
N ASN A 173 13.53 4.59 18.07
CA ASN A 173 13.79 4.52 19.51
C ASN A 173 13.93 5.88 20.17
N ASN A 174 13.75 6.94 19.39
CA ASN A 174 13.87 8.28 19.95
C ASN A 174 12.84 9.24 19.35
N PRO A 175 11.54 8.88 19.41
CA PRO A 175 10.57 9.73 18.72
C PRO A 175 10.50 11.09 19.39
N SER A 176 10.44 12.13 18.58
CA SER A 176 10.17 13.47 19.11
C SER A 176 8.78 13.46 19.68
N ASN A 177 8.43 14.51 20.42
CA ASN A 177 7.07 14.63 20.93
C ASN A 177 6.03 14.74 19.80
N ASP A 178 6.38 15.39 18.69
CA ASP A 178 5.46 15.47 17.57
C ASP A 178 5.21 14.08 16.97
N ILE A 179 6.25 13.27 16.91
CA ILE A 179 6.14 11.91 16.36
C ILE A 179 5.34 11.03 17.31
N ARG A 180 5.56 11.19 18.61
CA ARG A 180 4.84 10.41 19.62
C ARG A 180 3.34 10.70 19.51
N GLU A 181 3.02 11.97 19.39
CA GLU A 181 1.63 12.42 19.20
C GLU A 181 1.03 11.78 17.92
N ALA A 182 1.78 11.83 16.83
CA ALA A 182 1.35 11.23 15.55
C ALA A 182 1.11 9.73 15.68
N VAL A 183 2.04 9.04 16.34
CA VAL A 183 1.94 7.59 16.52
C VAL A 183 0.66 7.20 17.26
N ALA A 184 0.35 7.93 18.32
CA ALA A 184 -0.86 7.71 19.10
C ALA A 184 -2.10 8.07 18.29
N CYS A 185 -2.05 9.19 17.58
CA CYS A 185 -3.15 9.55 16.70
C CYS A 185 -3.42 8.45 15.67
N ILE A 186 -2.36 7.96 15.02
CA ILE A 186 -2.51 6.90 14.01
C ILE A 186 -3.09 5.60 14.60
N ASN A 187 -2.65 5.22 15.80
CA ASN A 187 -3.29 4.12 16.52
C ASN A 187 -4.80 4.33 16.58
N ASP A 188 -5.23 5.55 16.92
CA ASP A 188 -6.65 5.84 17.05
C ASP A 188 -7.36 5.89 15.70
N TYR A 189 -6.67 6.36 14.66
CA TYR A 189 -7.30 6.43 13.34
C TYR A 189 -7.49 5.03 12.76
N ASN A 190 -6.50 4.16 12.95
CA ASN A 190 -6.65 2.76 12.55
C ASN A 190 -7.81 2.10 13.30
N GLN A 191 -7.97 2.44 14.58
CA GLN A 191 -9.05 1.88 15.37
C GLN A 191 -10.40 2.32 14.81
N VAL A 192 -10.53 3.62 14.60
CA VAL A 192 -11.76 4.18 14.06
C VAL A 192 -12.09 3.52 12.73
N ALA A 193 -11.09 3.42 11.85
CA ALA A 193 -11.32 2.88 10.51
C ALA A 193 -11.77 1.43 10.61
N LEU A 194 -11.09 0.67 11.44
CA LEU A 194 -11.44 -0.74 11.65
C LEU A 194 -12.84 -0.86 12.24
N ASP A 195 -13.15 -0.09 13.29
CA ASP A 195 -14.51 -0.09 13.86
C ASP A 195 -15.56 0.19 12.79
N ALA A 196 -15.32 1.19 11.95
CA ALA A 196 -16.23 1.54 10.87
C ALA A 196 -16.52 0.35 9.95
N ILE A 197 -15.47 -0.31 9.51
CA ILE A 197 -15.60 -1.48 8.64
C ILE A 197 -16.39 -2.58 9.31
N ARG A 198 -16.03 -2.88 10.55
CA ARG A 198 -16.66 -3.96 11.31
C ARG A 198 -18.14 -3.72 11.50
N ALA A 199 -18.51 -2.46 11.69
CA ALA A 199 -19.89 -2.10 12.04
C ALA A 199 -20.88 -2.36 10.90
N THR A 200 -20.41 -2.40 9.66
CA THR A 200 -21.31 -2.63 8.53
C THR A 200 -21.73 -4.10 8.44
N GLY A 201 -21.13 -4.94 9.27
CA GLY A 201 -21.49 -6.35 9.36
C GLY A 201 -21.30 -7.21 8.12
N GLY A 202 -22.00 -8.36 8.07
CA GLY A 202 -21.87 -9.27 6.94
C GLY A 202 -20.45 -9.82 6.88
N ASN A 203 -19.91 -9.96 5.68
CA ASN A 203 -18.54 -10.44 5.52
C ASN A 203 -17.54 -9.48 6.17
N ASN A 204 -17.92 -8.21 6.32
CA ASN A 204 -17.00 -7.21 6.87
C ASN A 204 -16.76 -7.40 8.35
N ALA A 205 -17.61 -8.20 8.99
CA ALA A 205 -17.40 -8.54 10.40
C ALA A 205 -16.08 -9.31 10.55
N THR A 206 -15.68 -9.99 9.49
CA THR A 206 -14.51 -10.87 9.54
C THR A 206 -13.54 -10.74 8.36
N ARG A 207 -13.66 -9.66 7.58
CA ARG A 207 -12.71 -9.40 6.50
C ARG A 207 -11.35 -9.05 7.09
N CYS A 208 -10.27 -9.44 6.41
CA CYS A 208 -8.94 -9.03 6.84
C CYS A 208 -8.71 -7.58 6.51
N VAL A 209 -7.97 -6.91 7.38
CA VAL A 209 -7.74 -5.49 7.28
C VAL A 209 -6.26 -5.22 7.47
N MET A 210 -5.68 -4.40 6.60
CA MET A 210 -4.26 -4.03 6.71
C MET A 210 -4.18 -2.67 7.39
N VAL A 211 -3.25 -2.51 8.32
CA VAL A 211 -3.06 -1.23 8.98
C VAL A 211 -1.59 -0.89 9.06
N PRO A 212 -1.25 0.38 8.75
CA PRO A 212 0.14 0.85 8.81
C PRO A 212 0.45 1.61 10.09
N GLY A 213 1.74 1.75 10.37
CA GLY A 213 2.23 2.73 11.32
C GLY A 213 2.65 4.00 10.59
N TYR A 214 3.31 4.90 11.32
CA TYR A 214 3.79 6.17 10.74
C TYR A 214 4.58 5.92 9.47
N ASP A 215 4.27 6.64 8.39
CA ASP A 215 4.93 6.47 7.08
C ASP A 215 4.76 5.09 6.45
N ALA A 216 3.97 4.23 7.10
CA ALA A 216 3.95 2.80 6.76
C ALA A 216 5.36 2.20 6.73
N SER A 217 6.27 2.79 7.50
CA SER A 217 7.67 2.38 7.43
C SER A 217 8.02 1.41 8.54
N ILE A 218 9.22 0.85 8.45
CA ILE A 218 9.70 -0.07 9.47
C ILE A 218 9.86 0.69 10.79
N GLU A 219 10.13 1.99 10.72
CA GLU A 219 10.24 2.78 11.94
C GLU A 219 8.87 2.88 12.62
N GLY A 220 7.86 3.27 11.82
CA GLY A 220 6.52 3.43 12.33
C GLY A 220 5.98 2.22 13.05
N CYS A 221 6.24 1.03 12.51
CA CYS A 221 5.68 -0.17 13.13
C CYS A 221 6.57 -0.76 14.21
N MET A 222 7.88 -0.56 14.09
CA MET A 222 8.81 -1.09 15.09
C MET A 222 8.88 -0.24 16.36
N THR A 223 8.50 1.04 16.25
CA THR A 223 8.58 1.94 17.40
C THR A 223 7.65 1.43 18.50
N ASP A 224 8.06 1.57 19.75
CA ASP A 224 7.35 0.92 20.86
C ASP A 224 5.91 1.40 21.04
N GLY A 225 5.63 2.64 20.63
CA GLY A 225 4.29 3.20 20.79
C GLY A 225 3.25 2.75 19.79
N PHE A 226 3.67 1.97 18.80
CA PHE A 226 2.73 1.50 17.78
C PHE A 226 1.86 0.40 18.36
N LYS A 227 0.56 0.46 18.07
CA LYS A 227 -0.39 -0.56 18.51
C LYS A 227 -1.27 -1.05 17.37
N MET A 228 -1.41 -2.36 17.25
CA MET A 228 -2.45 -2.95 16.41
C MET A 228 -3.80 -2.63 17.05
N PRO A 229 -4.80 -2.24 16.23
CA PRO A 229 -6.11 -1.87 16.79
C PRO A 229 -6.84 -3.08 17.40
N ASN A 230 -7.80 -2.82 18.29
CA ASN A 230 -8.61 -3.88 18.92
C ASN A 230 -9.71 -4.40 18.02
N ASP A 231 -9.72 -5.69 17.77
CA ASP A 231 -10.66 -6.28 16.84
C ASP A 231 -11.65 -7.15 17.60
N THR A 232 -12.88 -7.27 17.07
CA THR A 232 -13.82 -8.24 17.61
C THR A 232 -13.64 -9.57 16.89
N ALA A 233 -13.08 -9.52 15.69
CA ALA A 233 -12.80 -10.75 14.94
C ALA A 233 -11.45 -11.30 15.37
N SER A 234 -11.23 -12.60 15.15
CA SER A 234 -9.98 -13.23 15.55
C SER A 234 -9.02 -13.47 14.39
N GLY A 235 -7.76 -13.11 14.58
CA GLY A 235 -6.74 -13.22 13.54
C GLY A 235 -7.15 -12.65 12.19
N ARG A 236 -7.63 -11.41 12.17
CA ARG A 236 -8.02 -10.78 10.92
C ARG A 236 -7.22 -9.52 10.59
N LEU A 237 -6.15 -9.28 11.35
CA LEU A 237 -5.36 -8.07 11.13
C LEU A 237 -4.02 -8.38 10.47
N ILE A 238 -3.65 -7.52 9.53
CA ILE A 238 -2.38 -7.62 8.79
C ILE A 238 -1.63 -6.30 8.92
N LEU A 239 -0.32 -6.38 9.15
CA LEU A 239 0.49 -5.16 9.25
C LEU A 239 0.85 -4.70 7.85
N SER A 240 0.68 -3.41 7.59
CA SER A 240 1.07 -2.85 6.30
C SER A 240 2.41 -2.17 6.47
N VAL A 241 3.39 -2.55 5.65
CA VAL A 241 4.68 -1.87 5.71
C VAL A 241 5.17 -1.62 4.29
N HIS A 242 5.76 -0.45 4.07
CA HIS A 242 6.37 -0.14 2.79
C HIS A 242 7.89 -0.12 2.98
N ALA A 243 8.62 -0.73 2.05
CA ALA A 243 10.07 -0.87 2.23
C ALA A 243 10.85 -0.86 0.93
N TYR A 244 11.12 0.33 0.41
CA TYR A 244 11.99 0.46 -0.75
C TYR A 244 13.45 0.38 -0.28
N ILE A 245 13.88 -0.85 0.02
CA ILE A 245 15.23 -1.05 0.53
C ILE A 245 16.05 -1.98 -0.39
N PRO A 246 17.38 -1.79 -0.42
CA PRO A 246 18.13 -0.72 0.26
C PRO A 246 17.87 0.64 -0.35
N TYR A 247 17.72 1.65 0.49
CA TYR A 247 17.27 2.98 0.07
C TYR A 247 18.08 3.62 -1.06
N TYR A 248 19.41 3.54 -0.99
CA TYR A 248 20.25 4.25 -1.96
C TYR A 248 20.25 3.56 -3.31
N PHE A 249 20.10 2.24 -3.28
CA PHE A 249 19.96 1.45 -4.49
C PHE A 249 18.58 1.64 -5.13
N ALA A 250 17.54 1.66 -4.30
CA ALA A 250 16.18 1.48 -4.79
C ALA A 250 15.40 2.75 -5.03
N LEU A 251 15.65 3.80 -4.25
CA LEU A 251 14.76 4.95 -4.25
C LEU A 251 15.44 6.32 -4.31
N ALA A 252 16.63 6.43 -3.72
CA ALA A 252 17.33 7.71 -3.64
C ALA A 252 17.51 8.38 -4.99
N SER A 253 17.48 9.71 -5.00
CA SER A 253 17.64 10.48 -6.22
C SER A 253 18.90 11.35 -6.19
N ASP A 254 19.45 11.54 -4.99
CA ASP A 254 20.64 12.37 -4.83
C ASP A 254 21.88 11.52 -4.72
N THR A 255 22.13 10.98 -3.53
CA THR A 255 23.23 10.08 -3.30
C THR A 255 22.74 8.66 -3.47
N TYR A 256 23.01 8.08 -4.64
CA TYR A 256 22.50 6.75 -4.96
C TYR A 256 23.62 5.82 -5.39
N VAL A 257 23.28 4.53 -5.48
CA VAL A 257 24.18 3.52 -6.01
C VAL A 257 23.44 2.71 -7.08
N THR A 258 24.18 2.14 -8.01
CA THR A 258 23.56 1.35 -9.08
C THR A 258 23.78 -0.16 -8.88
N ARG A 259 24.68 -0.50 -7.98
CA ARG A 259 25.06 -1.91 -7.78
C ARG A 259 24.36 -2.47 -6.56
N PHE A 260 23.88 -3.70 -6.66
CA PHE A 260 23.33 -4.36 -5.49
C PHE A 260 24.45 -5.13 -4.80
N ASP A 261 25.24 -4.42 -3.99
CA ASP A 261 26.40 -4.99 -3.29
C ASP A 261 25.95 -5.91 -2.14
N ASP A 262 26.70 -6.99 -1.93
CA ASP A 262 26.46 -7.93 -0.84
C ASP A 262 26.23 -7.23 0.51
N ASN A 263 26.92 -6.13 0.76
CA ASN A 263 26.74 -5.35 1.99
C ASN A 263 25.32 -4.86 2.19
N LEU A 264 24.59 -4.75 1.09
CA LEU A 264 23.27 -4.15 1.16
C LEU A 264 22.25 -5.20 1.52
N LYS A 265 22.65 -6.47 1.52
CA LYS A 265 21.74 -7.54 1.89
C LYS A 265 21.42 -7.44 3.38
N TYR A 266 22.31 -6.80 4.13
CA TYR A 266 22.10 -6.60 5.56
C TYR A 266 20.82 -5.78 5.79
N ASP A 267 20.55 -4.81 4.92
CA ASP A 267 19.36 -3.96 5.04
C ASP A 267 18.09 -4.80 4.99
N ILE A 268 18.00 -5.69 4.01
CA ILE A 268 16.83 -6.54 3.85
C ILE A 268 16.74 -7.56 4.97
N ASP A 269 17.89 -8.12 5.34
CA ASP A 269 17.97 -9.11 6.42
C ASP A 269 17.42 -8.59 7.74
N SER A 270 17.94 -7.45 8.19
CA SER A 270 17.49 -6.85 9.45
C SER A 270 16.03 -6.41 9.37
N PHE A 271 15.62 -5.94 8.20
CA PHE A 271 14.23 -5.56 7.95
C PHE A 271 13.33 -6.72 8.35
N PHE A 272 13.62 -7.89 7.80
CA PHE A 272 12.84 -9.08 8.08
C PHE A 272 13.02 -9.63 9.50
N ASN A 273 14.24 -9.55 10.04
CA ASN A 273 14.48 -9.95 11.43
C ASN A 273 13.65 -9.10 12.41
N ASP A 274 13.53 -7.81 12.13
CA ASP A 274 12.70 -6.93 12.94
C ASP A 274 11.23 -7.32 12.84
N LEU A 275 10.75 -7.49 11.62
CA LEU A 275 9.37 -7.91 11.40
C LEU A 275 9.13 -9.25 12.08
N ASN A 276 10.12 -10.13 11.99
CA ASN A 276 9.93 -11.47 12.55
C ASN A 276 9.74 -11.42 14.06
N SER A 277 10.66 -10.76 14.76
CA SER A 277 10.63 -10.78 16.22
C SER A 277 9.38 -10.12 16.76
N LYS A 278 8.93 -9.05 16.12
CA LYS A 278 7.80 -8.28 16.67
C LYS A 278 6.43 -8.72 16.12
N PHE A 279 6.40 -9.27 14.90
CA PHE A 279 5.12 -9.54 14.25
C PHE A 279 4.92 -10.98 13.78
N LEU A 280 5.76 -11.41 12.85
CA LEU A 280 5.61 -12.70 12.19
C LEU A 280 5.66 -13.86 13.17
N SER A 281 6.58 -13.80 14.13
CA SER A 281 6.70 -14.88 15.11
C SER A 281 5.57 -14.84 16.14
N ARG A 282 4.77 -13.76 16.09
CA ARG A 282 3.63 -13.62 16.98
C ARG A 282 2.31 -13.84 16.26
N ASN A 283 2.37 -14.47 15.09
CA ASN A 283 1.18 -14.73 14.28
C ASN A 283 0.43 -13.47 13.84
N ILE A 284 1.19 -12.40 13.61
CA ILE A 284 0.68 -11.22 12.92
C ILE A 284 1.35 -11.13 11.54
N PRO A 285 0.62 -11.51 10.48
CA PRO A 285 1.23 -11.49 9.15
C PRO A 285 1.49 -10.06 8.68
N VAL A 286 2.41 -9.93 7.72
CA VAL A 286 2.84 -8.62 7.26
C VAL A 286 2.75 -8.60 5.75
N VAL A 287 2.11 -7.57 5.20
CA VAL A 287 2.15 -7.38 3.75
C VAL A 287 3.01 -6.17 3.43
N VAL A 288 4.08 -6.41 2.67
CA VAL A 288 4.89 -5.31 2.18
C VAL A 288 4.16 -4.72 0.96
N GLY A 289 3.24 -3.81 1.23
CA GLY A 289 2.33 -3.27 0.22
C GLY A 289 3.00 -2.48 -0.89
N GLU A 290 4.21 -2.00 -0.64
CA GLU A 290 4.98 -1.32 -1.68
C GLU A 290 6.45 -1.64 -1.53
N THR A 291 7.06 -2.04 -2.64
CA THR A 291 8.51 -2.09 -2.75
C THR A 291 8.89 -2.12 -4.22
N SER A 292 10.09 -1.62 -4.52
CA SER A 292 10.57 -1.50 -5.87
C SER A 292 12.01 -1.01 -5.84
N ALA A 293 12.73 -1.25 -6.93
CA ALA A 293 14.02 -0.63 -7.13
C ALA A 293 13.89 0.15 -8.43
N THR A 294 14.11 1.47 -8.34
CA THR A 294 13.98 2.33 -9.51
C THR A 294 14.90 1.84 -10.63
N ASN A 295 14.44 2.00 -11.87
CA ASN A 295 15.26 1.65 -13.04
C ASN A 295 16.42 2.63 -13.21
N ARG A 296 17.62 2.16 -12.91
CA ARG A 296 18.81 2.97 -13.11
C ARG A 296 19.65 2.42 -14.24
N ASN A 297 18.99 1.85 -15.25
CA ASN A 297 19.69 1.16 -16.34
C ASN A 297 20.66 0.10 -15.79
N ASN A 298 20.21 -0.61 -14.76
CA ASN A 298 21.04 -1.58 -14.04
C ASN A 298 20.26 -2.87 -13.83
N THR A 299 19.72 -3.40 -14.92
CA THR A 299 18.80 -4.52 -14.88
C THR A 299 19.36 -5.75 -14.16
N ALA A 300 20.64 -6.06 -14.42
CA ALA A 300 21.23 -7.22 -13.79
C ALA A 300 21.34 -7.02 -12.29
N GLU A 301 21.60 -5.79 -11.88
CA GLU A 301 21.68 -5.50 -10.45
C GLU A 301 20.30 -5.60 -9.81
N ARG A 302 19.28 -5.16 -10.54
CA ARG A 302 17.92 -5.21 -10.03
C ARG A 302 17.41 -6.64 -9.96
N VAL A 303 17.98 -7.51 -10.80
CA VAL A 303 17.65 -8.93 -10.73
C VAL A 303 18.18 -9.51 -9.43
N LYS A 304 19.44 -9.19 -9.12
CA LYS A 304 20.07 -9.62 -7.88
C LYS A 304 19.27 -9.14 -6.68
N TRP A 305 18.75 -7.93 -6.79
CA TRP A 305 17.96 -7.31 -5.74
C TRP A 305 16.70 -8.08 -5.53
N ALA A 306 15.98 -8.33 -6.62
CA ALA A 306 14.72 -9.08 -6.55
C ALA A 306 14.94 -10.50 -6.06
N ASP A 307 15.99 -11.15 -6.57
CA ASP A 307 16.30 -12.52 -6.19
C ASP A 307 16.48 -12.61 -4.69
N TYR A 308 17.24 -11.68 -4.13
CA TYR A 308 17.54 -11.75 -2.72
C TYR A 308 16.33 -11.38 -1.89
N TYR A 309 15.66 -10.29 -2.27
CA TYR A 309 14.52 -9.79 -1.53
C TYR A 309 13.44 -10.87 -1.38
N TRP A 310 13.06 -11.46 -2.50
CA TRP A 310 12.02 -12.47 -2.51
C TRP A 310 12.50 -13.79 -1.97
N GLY A 311 13.76 -14.12 -2.20
CA GLY A 311 14.32 -15.32 -1.60
C GLY A 311 14.32 -15.22 -0.07
N ARG A 312 14.65 -14.04 0.45
CA ARG A 312 14.67 -13.81 1.88
C ARG A 312 13.26 -13.82 2.48
N ALA A 313 12.30 -13.24 1.75
CA ALA A 313 10.90 -13.20 2.20
C ALA A 313 10.27 -14.59 2.19
N ALA A 314 10.78 -15.47 1.34
CA ALA A 314 10.13 -16.76 1.06
C ALA A 314 10.03 -17.67 2.28
N ARG A 315 10.91 -17.47 3.24
CA ARG A 315 10.94 -18.35 4.40
C ARG A 315 9.83 -18.01 5.39
N TYR A 316 9.24 -16.81 5.25
CA TYR A 316 8.10 -16.41 6.09
C TYR A 316 6.79 -16.61 5.34
N SER A 317 6.10 -17.67 5.70
CA SER A 317 4.82 -18.04 5.13
C SER A 317 3.81 -16.91 5.24
N ASN A 318 3.86 -16.16 6.34
CA ASN A 318 2.90 -15.09 6.58
C ASN A 318 3.39 -13.71 6.14
N VAL A 319 4.30 -13.70 5.16
CA VAL A 319 4.71 -12.49 4.45
C VAL A 319 4.28 -12.61 2.98
N ALA A 320 3.83 -11.49 2.40
CA ALA A 320 3.63 -11.40 0.95
C ALA A 320 4.07 -9.99 0.54
N MET A 321 4.59 -9.81 -0.67
CA MET A 321 5.06 -8.49 -1.08
C MET A 321 4.40 -8.01 -2.38
N VAL A 322 4.35 -6.69 -2.55
CA VAL A 322 3.64 -6.09 -3.67
C VAL A 322 4.51 -5.05 -4.34
N LEU A 323 4.77 -5.23 -5.63
CA LEU A 323 5.61 -4.28 -6.37
C LEU A 323 4.90 -2.97 -6.57
N TRP A 324 5.61 -1.87 -6.44
CA TRP A 324 5.06 -0.58 -6.82
C TRP A 324 5.36 -0.34 -8.27
N ASP A 325 4.38 0.16 -9.01
CA ASP A 325 4.58 0.37 -10.44
C ASP A 325 3.88 1.66 -10.79
N ASN A 326 4.63 2.66 -11.25
CA ASN A 326 4.01 3.95 -11.58
C ASN A 326 4.00 4.23 -13.09
N ASN A 327 4.24 3.20 -13.90
CA ASN A 327 4.23 3.34 -15.35
C ASN A 327 5.18 4.45 -15.84
N ILE A 328 6.33 4.58 -15.20
CA ILE A 328 7.40 5.49 -15.66
C ILE A 328 8.71 4.71 -15.71
N TYR A 329 9.39 4.72 -16.85
CA TYR A 329 10.58 3.87 -17.01
C TYR A 329 11.87 4.63 -17.27
N GLN A 330 11.83 5.62 -18.16
CA GLN A 330 13.08 6.23 -18.65
C GLN A 330 13.77 7.05 -17.56
N ASN A 331 15.02 6.70 -17.26
CA ASN A 331 15.80 7.49 -16.32
C ASN A 331 16.75 8.38 -17.10
N ASN A 332 17.40 9.34 -16.45
CA ASN A 332 18.47 10.06 -17.11
C ASN A 332 19.69 9.12 -17.28
N SER A 333 20.70 9.56 -18.02
CA SER A 333 21.80 8.67 -18.34
C SER A 333 22.65 8.29 -17.12
N ALA A 334 22.51 9.07 -16.05
CA ALA A 334 23.21 8.77 -14.79
C ALA A 334 22.44 7.73 -13.97
N GLY A 335 21.18 7.51 -14.33
CA GLY A 335 20.32 6.59 -13.59
C GLY A 335 19.93 7.14 -12.22
N SER A 336 19.92 8.46 -12.08
CA SER A 336 19.79 9.07 -10.76
C SER A 336 18.35 9.15 -10.26
N ASP A 337 17.39 9.17 -11.16
CA ASP A 337 15.99 9.34 -10.75
C ASP A 337 15.45 8.14 -9.99
N GLY A 338 14.87 8.40 -8.83
CA GLY A 338 14.39 7.33 -7.97
C GLY A 338 12.93 6.97 -8.17
N GLU A 339 12.33 7.46 -9.26
CA GLU A 339 10.90 7.26 -9.49
C GLU A 339 10.55 6.53 -10.79
N CYS A 340 11.46 5.70 -11.27
CA CYS A 340 11.24 4.95 -12.49
C CYS A 340 10.81 3.52 -12.16
N HIS A 341 9.52 3.33 -11.88
CA HIS A 341 9.03 2.06 -11.37
C HIS A 341 8.10 1.30 -12.32
N MET A 342 8.23 1.53 -13.62
CA MET A 342 7.46 0.76 -14.59
C MET A 342 7.96 -0.68 -14.64
N TYR A 343 7.04 -1.63 -14.54
CA TYR A 343 7.40 -3.04 -14.79
C TYR A 343 6.72 -3.55 -16.05
N ILE A 344 5.44 -3.21 -16.19
CA ILE A 344 4.73 -3.43 -17.45
C ILE A 344 4.32 -2.09 -18.03
N ASP A 345 4.60 -1.90 -19.32
CA ASP A 345 4.18 -0.70 -20.02
C ASP A 345 2.67 -0.74 -20.24
N ARG A 346 1.94 0.21 -19.65
CA ARG A 346 0.47 0.14 -19.66
C ARG A 346 -0.15 0.39 -21.04
N ASN A 347 0.61 1.01 -21.93
CA ASN A 347 0.11 1.28 -23.26
C ASN A 347 0.30 0.11 -24.23
N SER A 348 1.45 -0.55 -24.17
CA SER A 348 1.72 -1.71 -25.04
C SER A 348 1.41 -3.06 -24.40
N LEU A 349 1.30 -3.08 -23.08
CA LEU A 349 1.13 -4.31 -22.29
C LEU A 349 2.36 -5.20 -22.36
N GLN A 350 3.52 -4.61 -22.62
CA GLN A 350 4.76 -5.37 -22.68
C GLN A 350 5.62 -5.15 -21.43
N TRP A 351 6.30 -6.20 -20.99
CA TRP A 351 7.15 -6.13 -19.82
C TRP A 351 8.50 -5.57 -20.14
N LYS A 352 9.00 -4.71 -19.24
CA LYS A 352 10.24 -3.99 -19.48
C LYS A 352 11.48 -4.80 -19.15
N ASP A 353 11.46 -5.48 -18.01
CA ASP A 353 12.61 -6.29 -17.61
C ASP A 353 12.10 -7.65 -17.13
N PRO A 354 11.79 -8.54 -18.09
CA PRO A 354 11.20 -9.85 -17.76
C PRO A 354 12.10 -10.67 -16.84
N GLU A 355 13.42 -10.40 -16.87
CA GLU A 355 14.36 -11.10 -16.00
C GLU A 355 14.01 -10.86 -14.54
N ILE A 356 13.55 -9.65 -14.22
CA ILE A 356 13.20 -9.35 -12.84
C ILE A 356 11.93 -10.11 -12.44
N ILE A 357 10.93 -10.06 -13.32
CA ILE A 357 9.69 -10.78 -13.09
C ILE A 357 9.92 -12.28 -12.89
N SER A 358 10.69 -12.90 -13.80
CA SER A 358 10.96 -14.33 -13.72
C SER A 358 11.67 -14.70 -12.42
N THR A 359 12.56 -13.81 -11.98
CA THR A 359 13.33 -14.06 -10.79
C THR A 359 12.47 -13.98 -9.52
N ILE A 360 11.50 -13.08 -9.54
CA ILE A 360 10.54 -12.98 -8.44
C ILE A 360 9.70 -14.26 -8.37
N MET A 361 9.18 -14.68 -9.52
CA MET A 361 8.35 -15.89 -9.62
C MET A 361 9.05 -17.21 -9.27
N LYS A 362 10.38 -17.20 -9.16
CA LYS A 362 11.15 -18.39 -8.77
C LYS A 362 10.92 -18.76 -7.32
N HIS A 363 10.35 -17.84 -6.56
CA HIS A 363 10.23 -18.00 -5.12
C HIS A 363 8.79 -18.12 -4.65
#